data_3F40
#
_entry.id   3F40
#
_cell.length_a   58.720
_cell.length_b   60.280
_cell.length_c   63.330
_cell.angle_alpha   90.000
_cell.angle_beta   90.000
_cell.angle_gamma   90.000
#
_symmetry.space_group_name_H-M   'C 2 2 21'
#
loop_
_entity.id
_entity.type
_entity.pdbx_description
1 polymer 'uncharacterized NTF2-like protein'
2 water water
#
_entity_poly.entity_id   1
_entity_poly.type   'polypeptide(L)'
_entity_poly.pdbx_seq_one_letter_code
;G(MSE)KTQITTRDLVLEFIHALNTENFPAAKKRLNENFTFNGP(MSE)GHREGSERY(MSE)ND(MSE)EK(MSE)KFK
YVVHK(MSE)FEEGNDVCLIYDIN(MSE)NGKTIAASGLYHLEKGEITSLHVYFDPRPLFEE
;
_entity_poly.pdbx_strand_id   A
#
# COMPACT_ATOMS: atom_id res chain seq x y z
N MSE A 2 6.74 -14.49 17.28
CA MSE A 2 5.93 -15.52 17.96
C MSE A 2 5.37 -14.94 19.21
O MSE A 2 4.40 -15.47 19.78
CB MSE A 2 6.78 -16.75 18.35
CG MSE A 2 7.18 -17.60 17.20
SE MSE A 2 5.66 -18.48 16.39
CE MSE A 2 5.17 -19.45 17.97
N LYS A 3 5.96 -13.85 19.68
CA LYS A 3 5.61 -13.26 20.97
C LYS A 3 4.60 -12.12 20.80
N THR A 4 4.42 -11.70 19.55
CA THR A 4 3.53 -10.58 19.23
C THR A 4 2.18 -11.09 18.77
N GLN A 5 1.24 -10.18 18.66
CA GLN A 5 -0.07 -10.45 18.16
C GLN A 5 -0.30 -9.48 17.00
N ILE A 6 0.31 -9.81 15.82
N ILE A 6 0.20 -9.81 15.81
CA ILE A 6 0.19 -9.06 14.51
CA ILE A 6 -0.01 -8.91 14.68
C ILE A 6 -0.86 -9.72 13.61
C ILE A 6 -0.85 -9.66 13.66
N THR A 7 -2.03 -9.11 13.48
CA THR A 7 -3.05 -9.65 12.57
C THR A 7 -2.88 -9.09 11.17
N THR A 8 -3.60 -9.65 10.23
N THR A 8 -3.71 -9.63 10.30
CA THR A 8 -3.51 -9.15 8.85
CA THR A 8 -3.83 -9.13 8.93
C THR A 8 -3.96 -7.68 8.74
C THR A 8 -4.11 -7.63 8.95
N ARG A 9 -4.89 -7.27 9.62
N ARG A 9 -5.11 -7.24 9.71
CA ARG A 9 -5.34 -5.86 9.63
CA ARG A 9 -5.45 -5.83 9.81
C ARG A 9 -4.26 -4.96 10.19
C ARG A 9 -4.23 -5.02 10.14
N ASP A 10 -3.55 -5.47 11.19
CA ASP A 10 -2.37 -4.76 11.72
C ASP A 10 -1.31 -4.61 10.66
N LEU A 11 -1.04 -5.64 9.86
N LEU A 11 -1.13 -5.69 9.93
CA LEU A 11 -0.02 -5.52 8.78
CA LEU A 11 -0.11 -5.70 8.92
C LEU A 11 -0.31 -4.43 7.81
C LEU A 11 -0.33 -4.55 7.90
N VAL A 12 -1.57 -4.36 7.40
CA VAL A 12 -1.88 -3.33 6.42
C VAL A 12 -1.75 -1.94 7.03
N LEU A 13 -2.24 -1.78 8.24
CA LEU A 13 -2.15 -0.46 8.88
C LEU A 13 -0.69 -0.09 9.17
N GLU A 14 0.10 -1.08 9.52
CA GLU A 14 1.53 -0.82 9.74
C GLU A 14 2.20 -0.39 8.45
N PHE A 15 1.83 -1.00 7.34
CA PHE A 15 2.39 -0.61 6.03
C PHE A 15 2.05 0.83 5.71
N ILE A 16 0.78 1.20 5.91
CA ILE A 16 0.36 2.56 5.65
C ILE A 16 1.09 3.52 6.59
N HIS A 17 1.24 3.14 7.87
CA HIS A 17 1.96 4.01 8.83
C HIS A 17 3.41 4.20 8.43
N ALA A 18 4.02 3.13 7.98
CA ALA A 18 5.40 3.21 7.51
C ALA A 18 5.50 4.18 6.33
N LEU A 19 4.61 4.10 5.37
CA LEU A 19 4.67 5.04 4.25
C LEU A 19 4.44 6.48 4.72
N ASN A 20 3.48 6.66 5.61
CA ASN A 20 3.15 8.01 6.08
C ASN A 20 4.29 8.68 6.84
N THR A 21 5.07 7.86 7.51
CA THR A 21 6.19 8.36 8.28
C THR A 21 7.50 8.24 7.51
N GLU A 22 7.36 8.05 6.21
CA GLU A 22 8.50 7.97 5.30
C GLU A 22 9.54 6.96 5.83
N ASN A 23 9.06 5.87 6.42
CA ASN A 23 9.88 4.75 6.83
C ASN A 23 9.85 3.63 5.81
N PHE A 24 10.61 3.83 4.76
CA PHE A 24 10.50 2.98 3.57
C PHE A 24 11.06 1.57 3.82
N PRO A 25 12.15 1.44 4.61
CA PRO A 25 12.57 0.08 4.93
C PRO A 25 11.53 -0.72 5.75
N ALA A 26 10.84 -0.04 6.65
CA ALA A 26 9.77 -0.70 7.45
C ALA A 26 8.63 -1.13 6.52
N ALA A 27 8.28 -0.24 5.61
CA ALA A 27 7.15 -0.53 4.70
C ALA A 27 7.52 -1.78 3.87
N LYS A 28 8.75 -1.83 3.35
N LYS A 28 8.76 -1.81 3.43
CA LYS A 28 9.12 -2.95 2.47
CA LYS A 28 9.19 -2.84 2.53
C LYS A 28 9.03 -4.28 3.19
C LYS A 28 9.07 -4.22 3.18
N LYS A 29 9.26 -4.24 4.49
CA LYS A 29 9.24 -5.47 5.28
C LYS A 29 7.89 -6.19 5.26
N ARG A 30 6.84 -5.42 5.02
CA ARG A 30 5.45 -5.91 5.09
C ARG A 30 5.07 -6.56 3.73
N LEU A 31 5.93 -6.43 2.72
CA LEU A 31 5.63 -6.92 1.36
C LEU A 31 6.35 -8.21 1.04
N ASN A 32 5.68 -9.09 0.34
CA ASN A 32 6.31 -10.24 -0.25
C ASN A 32 7.32 -9.79 -1.31
N GLU A 33 8.36 -10.59 -1.49
N GLU A 33 8.44 -10.50 -1.46
CA GLU A 33 9.41 -10.29 -2.44
CA GLU A 33 9.43 -10.07 -2.46
C GLU A 33 8.85 -10.01 -3.82
C GLU A 33 8.87 -10.00 -3.90
N ASN A 34 7.86 -10.82 -4.18
CA ASN A 34 7.25 -10.85 -5.52
C ASN A 34 5.88 -10.15 -5.55
N PHE A 35 5.74 -9.22 -4.63
CA PHE A 35 4.57 -8.31 -4.57
C PHE A 35 4.31 -7.71 -5.93
N THR A 36 3.03 -7.62 -6.28
CA THR A 36 2.64 -6.86 -7.43
C THR A 36 1.79 -5.67 -7.09
N PHE A 37 1.95 -4.65 -7.92
CA PHE A 37 1.15 -3.44 -7.88
C PHE A 37 0.41 -3.25 -9.18
N ASN A 38 -0.87 -2.89 -9.10
CA ASN A 38 -1.66 -2.43 -10.22
C ASN A 38 -2.42 -1.20 -9.84
N GLY A 39 -2.26 -0.18 -10.66
CA GLY A 39 -2.99 1.06 -10.49
C GLY A 39 -3.38 1.61 -11.83
N PRO A 40 -4.07 2.75 -11.83
CA PRO A 40 -4.51 3.35 -13.10
C PRO A 40 -3.37 3.64 -14.08
N MSE A 41 -2.21 3.91 -13.53
CA MSE A 41 -1.06 4.33 -14.34
C MSE A 41 0.00 3.26 -14.53
O MSE A 41 1.12 3.51 -15.00
CB MSE A 41 -0.47 5.57 -13.72
CG MSE A 41 -1.42 6.78 -13.84
SE MSE A 41 -0.90 8.33 -12.87
CE MSE A 41 -1.16 7.68 -11.08
N GLY A 42 -0.35 2.03 -14.20
CA GLY A 42 0.50 0.93 -14.55
C GLY A 42 0.70 -0.11 -13.51
N HIS A 43 1.64 -0.93 -13.79
CA HIS A 43 1.92 -2.13 -13.01
C HIS A 43 3.40 -2.21 -12.65
N ARG A 44 3.67 -2.70 -11.47
CA ARG A 44 5.05 -2.96 -11.01
C ARG A 44 5.13 -4.39 -10.46
N GLU A 45 6.28 -5.00 -10.78
N GLU A 45 6.24 -5.07 -10.79
CA GLU A 45 6.62 -6.35 -10.42
CA GLU A 45 6.48 -6.41 -10.31
C GLU A 45 7.73 -6.34 -9.36
C GLU A 45 7.70 -6.41 -9.38
N GLY A 46 7.43 -6.85 -8.16
CA GLY A 46 8.44 -6.95 -7.09
C GLY A 46 8.39 -5.85 -6.06
N SER A 47 8.66 -6.23 -4.82
CA SER A 47 8.65 -5.24 -3.75
C SER A 47 9.76 -4.20 -3.95
N GLU A 48 10.86 -4.63 -4.54
CA GLU A 48 12.00 -3.73 -4.69
C GLU A 48 11.63 -2.54 -5.58
N ARG A 49 11.06 -2.85 -6.72
CA ARG A 49 10.71 -1.85 -7.67
C ARG A 49 9.63 -0.93 -7.12
N TYR A 50 8.61 -1.50 -6.50
N TYR A 50 8.62 -1.53 -6.52
CA TYR A 50 7.52 -0.66 -5.97
CA TYR A 50 7.53 -0.74 -5.97
C TYR A 50 8.04 0.25 -4.84
C TYR A 50 8.05 0.22 -4.87
N MSE A 51 8.87 -0.31 -3.97
CA MSE A 51 9.39 0.52 -2.85
C MSE A 51 10.36 1.60 -3.32
O MSE A 51 10.40 2.67 -2.76
CB MSE A 51 10.00 -0.35 -1.77
CG MSE A 51 8.93 -1.15 -1.04
SE MSE A 51 7.48 -0.10 -0.26
CE MSE A 51 8.52 1.32 0.51
N ASN A 52 11.09 1.34 -4.39
CA ASN A 52 11.97 2.38 -4.96
C ASN A 52 11.12 3.54 -5.45
N ASP A 53 10.02 3.20 -6.12
CA ASP A 53 9.06 4.23 -6.55
C ASP A 53 8.48 4.97 -5.36
N MSE A 54 8.06 4.20 -4.36
N MSE A 54 8.07 4.21 -4.36
N MSE A 54 8.11 4.22 -4.33
CA MSE A 54 7.40 4.78 -3.16
CA MSE A 54 7.40 4.83 -3.20
CA MSE A 54 7.51 4.87 -3.16
C MSE A 54 8.31 5.80 -2.48
C MSE A 54 8.33 5.78 -2.46
C MSE A 54 8.49 5.81 -2.47
O MSE A 54 7.84 6.83 -2.00
O MSE A 54 7.88 6.80 -1.93
O MSE A 54 8.13 6.91 -2.08
CB MSE A 54 7.01 3.69 -2.15
CB MSE A 54 6.86 3.76 -2.25
CB MSE A 54 6.97 3.87 -2.16
CG MSE A 54 5.69 2.90 -2.43
CG MSE A 54 5.62 3.00 -2.76
CG MSE A 54 6.46 4.58 -0.92
SE MSE A 54 4.02 3.96 -2.54
SE MSE A 54 4.16 4.12 -3.48
SE MSE A 54 5.09 5.98 -1.20
CE MSE A 54 4.18 4.51 -4.43
CE MSE A 54 4.72 4.29 -5.34
CE MSE A 54 5.80 6.96 -2.71
N GLU A 55 9.61 5.49 -2.44
N GLU A 55 9.62 5.44 -2.46
CA GLU A 55 10.58 6.37 -1.76
CA GLU A 55 10.63 6.24 -1.73
C GLU A 55 10.73 7.69 -2.52
C GLU A 55 10.96 7.53 -2.46
N LYS A 56 10.62 7.64 -3.85
N LYS A 56 10.64 7.56 -3.75
CA LYS A 56 10.65 8.87 -4.64
CA LYS A 56 10.77 8.75 -4.57
C LYS A 56 9.32 9.63 -4.63
C LYS A 56 9.50 9.61 -4.50
N MSE A 57 8.20 8.91 -4.63
N MSE A 57 8.33 8.96 -4.58
N MSE A 57 8.18 8.98 -4.55
CA MSE A 57 6.89 9.55 -4.68
CA MSE A 57 7.04 9.64 -4.68
CA MSE A 57 6.93 9.67 -4.71
C MSE A 57 6.54 10.24 -3.37
C MSE A 57 6.52 10.24 -3.37
C MSE A 57 6.43 10.21 -3.38
O MSE A 57 6.04 11.36 -3.35
O MSE A 57 5.86 11.27 -3.37
O MSE A 57 5.67 11.19 -3.35
CB MSE A 57 5.81 8.52 -5.03
CB MSE A 57 6.00 8.67 -5.24
CB MSE A 57 5.89 8.75 -5.36
CG MSE A 57 5.81 8.10 -6.49
CG MSE A 57 6.27 8.25 -6.67
CG MSE A 57 6.33 8.25 -6.73
SE MSE A 57 5.61 9.57 -7.79
SE MSE A 57 5.06 6.85 -7.26
SE MSE A 57 6.82 9.69 -7.97
CE MSE A 57 7.36 10.45 -7.58
CE MSE A 57 5.79 6.51 -9.04
CE MSE A 57 5.20 10.75 -7.85
N LYS A 58 6.80 9.53 -2.28
CA LYS A 58 6.41 10.00 -0.95
C LYS A 58 4.92 10.33 -0.79
N PHE A 59 4.09 9.42 -1.25
CA PHE A 59 2.64 9.54 -1.11
C PHE A 59 2.24 9.43 0.34
N LYS A 60 1.21 10.19 0.70
CA LYS A 60 0.63 10.18 2.03
C LYS A 60 -0.84 9.75 1.98
N TYR A 61 -1.31 9.07 3.02
CA TYR A 61 -2.61 8.42 3.04
C TYR A 61 -3.41 8.79 4.27
N VAL A 62 -4.67 9.09 4.06
CA VAL A 62 -5.57 9.26 5.16
C VAL A 62 -6.65 8.22 4.98
N VAL A 63 -6.67 7.27 5.92
CA VAL A 63 -7.60 6.14 5.85
C VAL A 63 -8.95 6.53 6.50
N HIS A 64 -10.01 6.44 5.70
CA HIS A 64 -11.37 6.75 6.14
C HIS A 64 -12.15 5.52 6.53
N LYS A 65 -11.93 4.41 5.84
CA LYS A 65 -12.65 3.14 6.10
C LYS A 65 -11.74 2.00 5.80
N MSE A 66 -11.92 0.94 6.56
CA MSE A 66 -11.18 -0.29 6.37
C MSE A 66 -12.13 -1.46 6.43
O MSE A 66 -12.98 -1.54 7.34
CB MSE A 66 -10.13 -0.41 7.45
CG MSE A 66 -9.33 -1.69 7.41
SE MSE A 66 -7.90 -1.58 8.63
CE MSE A 66 -6.84 -2.84 7.82
N PHE A 67 -11.96 -2.34 5.48
CA PHE A 67 -12.71 -3.58 5.37
C PHE A 67 -11.78 -4.77 5.31
N GLU A 68 -12.23 -5.91 5.84
N GLU A 68 -12.29 -5.91 5.74
CA GLU A 68 -11.51 -7.17 5.68
CA GLU A 68 -11.53 -7.13 5.61
C GLU A 68 -12.47 -8.30 5.37
C GLU A 68 -12.44 -8.33 5.43
N GLU A 69 -12.03 -9.18 4.49
CA GLU A 69 -12.78 -10.39 4.13
C GLU A 69 -11.72 -11.41 3.72
N GLY A 70 -11.77 -12.61 4.28
N GLY A 70 -11.39 -12.21 4.75
CA GLY A 70 -10.83 -13.63 3.85
CA GLY A 70 -10.38 -13.26 4.67
C GLY A 70 -9.41 -13.07 3.76
C GLY A 70 -8.98 -12.71 4.49
N ASN A 71 -8.71 -13.26 2.64
N ASN A 71 -8.33 -13.03 3.38
CA ASN A 71 -7.30 -12.82 2.59
CA ASN A 71 -6.99 -12.49 3.18
C ASN A 71 -7.11 -11.43 1.99
C ASN A 71 -6.99 -11.27 2.23
N ASP A 72 -8.16 -10.64 2.04
CA ASP A 72 -8.17 -9.32 1.44
C ASP A 72 -8.58 -8.25 2.44
N VAL A 73 -7.92 -7.11 2.29
CA VAL A 73 -8.23 -5.88 3.01
C VAL A 73 -8.46 -4.79 1.98
N CYS A 74 -9.54 -4.04 2.16
N CYS A 74 -9.55 -4.05 2.18
CA CYS A 74 -9.79 -2.89 1.29
CA CYS A 74 -9.87 -2.90 1.36
C CYS A 74 -9.88 -1.60 2.09
C CYS A 74 -9.78 -1.64 2.20
N LEU A 75 -9.04 -0.65 1.70
CA LEU A 75 -9.00 0.66 2.33
C LEU A 75 -9.65 1.69 1.45
N ILE A 76 -10.45 2.56 2.05
CA ILE A 76 -10.96 3.76 1.45
C ILE A 76 -10.12 4.88 2.03
N TYR A 77 -9.35 5.54 1.18
CA TYR A 77 -8.41 6.52 1.64
C TYR A 77 -8.19 7.65 0.64
N ASP A 78 -7.77 8.80 1.19
CA ASP A 78 -7.34 9.92 0.38
C ASP A 78 -5.84 9.78 0.24
N ILE A 79 -5.34 9.92 -0.98
CA ILE A 79 -3.91 9.85 -1.24
C ILE A 79 -3.42 11.21 -1.72
N ASN A 80 -2.47 11.76 -1.01
CA ASN A 80 -1.81 12.99 -1.42
C ASN A 80 -0.64 12.60 -2.32
N MSE A 81 -0.85 12.86 -3.61
CA MSE A 81 0.13 12.52 -4.62
C MSE A 81 0.65 13.83 -5.18
O MSE A 81 0.00 14.50 -6.00
CB MSE A 81 -0.54 11.67 -5.70
CG MSE A 81 -1.15 10.36 -5.13
SE MSE A 81 -2.16 9.33 -6.43
CE MSE A 81 -0.74 8.90 -7.62
N ASN A 82 1.81 14.21 -4.65
CA ASN A 82 2.54 15.40 -5.08
C ASN A 82 1.66 16.64 -5.06
N GLY A 83 0.87 16.73 -4.00
CA GLY A 83 0.11 17.92 -3.68
C GLY A 83 -1.30 17.82 -4.11
N LYS A 84 -1.59 16.82 -4.95
N LYS A 84 -1.60 16.79 -4.89
CA LYS A 84 -2.96 16.56 -5.38
CA LYS A 84 -2.95 16.57 -5.36
C LYS A 84 -3.54 15.50 -4.46
C LYS A 84 -3.61 15.45 -4.58
N THR A 85 -4.73 15.77 -3.96
CA THR A 85 -5.44 14.78 -3.11
C THR A 85 -6.47 14.06 -3.95
N ILE A 86 -6.33 12.73 -3.96
CA ILE A 86 -7.17 11.86 -4.75
C ILE A 86 -7.84 10.85 -3.86
N ALA A 87 -9.16 10.71 -4.00
CA ALA A 87 -9.91 9.70 -3.28
C ALA A 87 -9.77 8.39 -4.02
N ALA A 88 -9.36 7.37 -3.27
CA ALA A 88 -9.07 6.04 -3.84
C ALA A 88 -9.59 4.92 -2.97
N SER A 89 -9.64 3.75 -3.57
CA SER A 89 -9.88 2.50 -2.88
C SER A 89 -8.70 1.58 -3.15
N GLY A 90 -8.11 1.01 -2.12
CA GLY A 90 -6.94 0.15 -2.26
C GLY A 90 -7.27 -1.24 -1.76
N LEU A 91 -7.05 -2.23 -2.63
CA LEU A 91 -7.33 -3.63 -2.34
C LEU A 91 -6.00 -4.38 -2.16
N TYR A 92 -5.76 -4.80 -0.92
CA TYR A 92 -4.54 -5.48 -0.51
C TYR A 92 -4.84 -6.96 -0.30
N HIS A 93 -4.01 -7.81 -0.91
CA HIS A 93 -4.12 -9.26 -0.70
C HIS A 93 -2.95 -9.71 0.16
N LEU A 94 -3.24 -10.56 1.12
CA LEU A 94 -2.22 -11.08 2.05
C LEU A 94 -2.19 -12.57 2.05
N GLU A 95 -0.99 -13.08 2.10
CA GLU A 95 -0.76 -14.51 2.21
C GLU A 95 0.50 -14.68 2.99
N LYS A 96 0.52 -15.71 3.82
CA LYS A 96 1.74 -16.09 4.56
C LYS A 96 2.37 -14.94 5.32
N GLY A 97 1.52 -14.09 5.89
CA GLY A 97 1.98 -13.02 6.74
C GLY A 97 2.61 -11.86 6.02
N GLU A 98 2.37 -11.78 4.71
CA GLU A 98 2.90 -10.67 3.88
C GLU A 98 1.85 -10.14 2.94
N ILE A 99 2.00 -8.90 2.52
CA ILE A 99 1.16 -8.35 1.45
C ILE A 99 1.71 -8.82 0.13
N THR A 100 0.88 -9.50 -0.68
CA THR A 100 1.34 -10.04 -1.95
C THR A 100 0.90 -9.20 -3.16
N SER A 101 -0.11 -8.36 -2.98
CA SER A 101 -0.55 -7.48 -4.05
C SER A 101 -1.33 -6.32 -3.53
N LEU A 102 -1.30 -5.27 -4.36
CA LEU A 102 -2.14 -4.08 -4.20
C LEU A 102 -2.73 -3.74 -5.56
N HIS A 103 -4.05 -3.56 -5.59
CA HIS A 103 -4.74 -2.99 -6.71
C HIS A 103 -5.41 -1.73 -6.22
N VAL A 104 -5.04 -0.57 -6.77
CA VAL A 104 -5.61 0.70 -6.32
C VAL A 104 -6.49 1.29 -7.42
N TYR A 105 -7.62 1.82 -6.99
CA TYR A 105 -8.68 2.30 -7.87
C TYR A 105 -8.91 3.79 -7.65
N PHE A 106 -8.79 4.56 -8.72
CA PHE A 106 -9.07 5.98 -8.68
C PHE A 106 -9.02 6.56 -10.08
N ASP A 107 -9.56 7.77 -10.20
CA ASP A 107 -9.53 8.53 -11.45
C ASP A 107 -8.24 9.37 -11.46
N PRO A 108 -7.25 9.02 -12.30
CA PRO A 108 -5.99 9.74 -12.25
C PRO A 108 -5.95 11.01 -13.06
N ARG A 109 -7.04 11.38 -13.71
CA ARG A 109 -6.98 12.53 -14.63
C ARG A 109 -6.49 13.85 -13.99
N PRO A 110 -6.86 14.15 -12.74
CA PRO A 110 -6.38 15.39 -12.14
C PRO A 110 -4.86 15.48 -12.06
N LEU A 111 -4.20 14.33 -12.11
CA LEU A 111 -2.73 14.31 -11.99
C LEU A 111 -2.03 14.77 -13.26
N PHE A 112 -2.76 14.85 -14.36
CA PHE A 112 -2.16 15.20 -15.68
C PHE A 112 -2.35 16.66 -16.02
N GLU A 113 -3.14 17.30 -15.18
CA GLU A 113 -3.47 18.72 -15.22
C GLU A 113 -4.90 18.91 -15.69
#